data_1AMZ
#
_entry.id   1AMZ
#
_cell.length_a   104.127
_cell.length_b   78.500
_cell.length_c   58.420
_cell.angle_alpha   90.00
_cell.angle_beta   78.93
_cell.angle_gamma   90.00
#
_symmetry.space_group_name_H-M   'C 1 2 1'
#
loop_
_entity.id
_entity.type
_entity.pdbx_description
1 polymer 'CITRATE SYNTHASE'
2 non-polymer D-MALATE
3 non-polymer 'NITROMETHYLDETHIA COENZYME A'
4 water water
#
_entity_poly.entity_id   1
_entity_poly.type   'polypeptide(L)'
_entity_poly.pdbx_seq_one_letter_code
;STNLKDVLASLIPKEQARIKTFRQQHGNTAVGQITVDMSYGGMRGMKGLIYETSVLDPDEGIRFRGFSIPECQKLLPKAG
GGEEPLPEGLFWLLVTGQIPTPEQVSWVSKEWAKRAALPSHVVTMLDNFPTNLHPMSQLSAAITALNSESNFARAYAEGI
NRTKYWEFVYEDAMDLIAKLPCVAAKIYRNLYRAGSSIGAIDSKLDWSHNFTNMLGYTDPQFTELMRLYLTIHSDHEGGN
VSAHTSHLVGSALSDPYLSFAAAMNGLAGPLHGLANQEVLLWLSQLQKDLGADASDEKLRDYIWNTLNSGRVVPGYGHAV
LRKTDPRYTCQREFALKHLPSDPMFKLVAQLYKIVPNVLLEQGKAKNPWPNVDAHSGVLLQYYGMTEMNYYTVLFGVSRA
LGVLAQLIWSRALGFPLERPKSMSTAGLEKLSAGG
;
_entity_poly.pdbx_strand_id   A
#
loop_
_chem_comp.id
_chem_comp.type
_chem_comp.name
_chem_comp.formula
MLT non-polymer D-MALATE 'C4 H6 O5'
NMX non-polymer 'NITROMETHYLDETHIA COENZYME A' 'C22 H37 N8 O18 P3'
#
# COMPACT_ATOMS: atom_id res chain seq x y z
N SER A 1 -16.37 6.66 24.73
CA SER A 1 -15.25 6.55 25.67
C SER A 1 -13.91 6.59 24.94
N THR A 2 -13.81 5.79 23.90
CA THR A 2 -12.66 5.81 23.05
C THR A 2 -12.96 6.86 21.96
N ASN A 3 -11.98 7.66 21.64
CA ASN A 3 -12.11 8.63 20.57
C ASN A 3 -10.71 9.00 20.07
N LEU A 4 -10.33 8.45 18.91
CA LEU A 4 -8.99 8.67 18.33
C LEU A 4 -8.74 10.17 18.14
N LYS A 5 -9.82 10.85 17.73
CA LYS A 5 -9.69 12.27 17.52
C LYS A 5 -9.25 13.05 18.74
N ASP A 6 -9.70 12.62 19.95
CA ASP A 6 -9.32 13.22 21.22
C ASP A 6 -7.89 12.86 21.54
N VAL A 7 -7.48 11.67 21.13
CA VAL A 7 -6.11 11.22 21.38
C VAL A 7 -5.14 12.02 20.55
N LEU A 8 -5.46 12.20 19.28
CA LEU A 8 -4.61 13.04 18.43
C LEU A 8 -4.53 14.48 18.92
N ALA A 9 -5.66 15.05 19.42
CA ALA A 9 -5.67 16.43 19.90
C ALA A 9 -4.60 16.65 21.00
N SER A 10 -4.33 15.62 21.78
CA SER A 10 -3.34 15.75 22.83
C SER A 10 -1.91 15.58 22.33
N LEU A 11 -1.73 14.66 21.38
CA LEU A 11 -0.42 14.28 20.81
C LEU A 11 0.16 15.43 19.91
N ILE A 12 -0.68 16.03 19.08
CA ILE A 12 -0.26 17.08 18.12
C ILE A 12 0.62 18.21 18.62
N PRO A 13 0.15 18.86 19.65
CA PRO A 13 0.92 19.98 20.18
C PRO A 13 2.25 19.58 20.73
N LYS A 14 2.36 18.38 21.27
CA LYS A 14 3.63 17.97 21.79
C LYS A 14 4.60 17.69 20.65
N GLU A 15 4.12 16.99 19.63
CA GLU A 15 5.02 16.75 18.52
C GLU A 15 5.41 18.04 17.86
N GLN A 16 4.49 18.99 17.81
CA GLN A 16 4.83 20.24 17.18
C GLN A 16 6.01 20.89 17.89
N ALA A 17 5.96 20.89 19.20
CA ALA A 17 7.00 21.52 20.00
C ALA A 17 8.36 20.83 19.86
N ARG A 18 8.34 19.51 19.85
CA ARG A 18 9.53 18.73 19.72
C ARG A 18 10.26 18.92 18.38
N ILE A 19 9.49 19.09 17.33
CA ILE A 19 10.07 19.30 16.04
C ILE A 19 10.56 20.73 15.96
N LYS A 20 9.81 21.65 16.56
CA LYS A 20 10.23 23.05 16.56
C LYS A 20 11.61 23.26 17.20
N THR A 21 11.76 22.69 18.37
CA THR A 21 13.03 22.76 19.04
C THR A 21 14.17 22.06 18.32
N PHE A 22 13.88 20.90 17.73
CA PHE A 22 14.92 20.15 17.03
C PHE A 22 15.41 20.93 15.85
N ARG A 23 14.49 21.60 15.22
CA ARG A 23 14.82 22.36 14.06
C ARG A 23 15.56 23.62 14.43
N GLN A 24 15.32 24.09 15.63
CA GLN A 24 15.99 25.28 16.10
C GLN A 24 17.48 24.96 16.24
N GLN A 25 17.75 23.83 16.85
CA GLN A 25 19.08 23.34 17.06
C GLN A 25 19.80 22.80 15.79
N HIS A 26 19.11 22.00 14.91
CA HIS A 26 19.75 21.33 13.79
C HIS A 26 19.21 21.56 12.38
N GLY A 27 18.38 22.56 12.24
CA GLY A 27 17.81 22.82 10.90
C GLY A 27 18.88 22.95 9.82
N ASN A 28 20.03 23.48 10.18
CA ASN A 28 21.03 23.67 9.14
C ASN A 28 22.01 22.52 9.07
N THR A 29 21.82 21.53 9.92
CA THR A 29 22.72 20.38 9.88
C THR A 29 22.56 19.60 8.55
N ALA A 30 23.65 19.24 7.92
CA ALA A 30 23.57 18.48 6.67
C ALA A 30 23.48 17.02 6.97
N VAL A 31 22.57 16.35 6.27
CA VAL A 31 22.33 14.92 6.46
C VAL A 31 22.76 14.12 5.25
N GLY A 32 23.23 14.82 4.21
CA GLY A 32 23.64 14.14 3.00
C GLY A 32 24.00 15.06 1.88
N GLN A 33 24.47 14.48 0.79
CA GLN A 33 24.80 15.25 -0.39
C GLN A 33 24.01 14.80 -1.59
N ILE A 34 23.94 15.63 -2.60
CA ILE A 34 23.24 15.24 -3.81
C ILE A 34 24.26 15.11 -4.92
N THR A 35 24.30 13.95 -5.61
CA THR A 35 25.24 13.82 -6.73
C THR A 35 24.52 13.81 -8.07
N VAL A 36 25.31 13.93 -9.12
CA VAL A 36 24.75 13.93 -10.46
C VAL A 36 23.97 12.66 -10.70
N ASP A 37 24.58 11.57 -10.30
CA ASP A 37 23.96 10.28 -10.45
C ASP A 37 22.66 10.12 -9.66
N MET A 38 22.52 10.82 -8.53
CA MET A 38 21.27 10.70 -7.80
C MET A 38 20.13 11.40 -8.55
N SER A 39 20.45 12.53 -9.22
CA SER A 39 19.44 13.32 -9.95
C SER A 39 18.96 12.57 -11.18
N TYR A 40 19.87 11.89 -11.83
CA TYR A 40 19.56 11.13 -13.02
C TYR A 40 18.91 9.84 -12.69
N GLY A 41 19.19 9.36 -11.46
CA GLY A 41 18.72 8.04 -10.94
C GLY A 41 17.47 8.00 -10.06
N GLY A 42 16.53 8.89 -10.36
CA GLY A 42 15.24 8.92 -9.65
C GLY A 42 15.37 9.08 -8.13
N MET A 43 16.34 9.90 -7.71
CA MET A 43 16.65 10.20 -6.35
C MET A 43 17.11 9.01 -5.55
N ARG A 44 17.67 8.00 -6.22
CA ARG A 44 18.05 6.84 -5.46
C ARG A 44 19.08 7.17 -4.43
N GLY A 45 18.80 6.79 -3.20
CA GLY A 45 19.72 7.07 -2.11
C GLY A 45 19.57 8.49 -1.51
N MET A 46 18.66 9.32 -2.01
CA MET A 46 18.53 10.64 -1.44
C MET A 46 17.56 10.66 -0.26
N LYS A 47 18.01 11.24 0.85
CA LYS A 47 17.10 11.39 2.00
C LYS A 47 16.29 12.61 1.72
N GLY A 48 15.03 12.45 1.26
CA GLY A 48 14.31 13.63 0.87
C GLY A 48 13.02 13.99 1.56
N LEU A 49 12.52 13.12 2.46
CA LEU A 49 11.24 13.39 3.07
C LEU A 49 11.18 12.97 4.48
N ILE A 50 10.30 13.65 5.21
CA ILE A 50 9.97 13.24 6.56
C ILE A 50 8.65 12.54 6.47
N TYR A 51 8.59 11.35 7.01
CA TYR A 51 7.38 10.52 6.98
C TYR A 51 7.41 9.75 8.29
N GLU A 52 6.41 9.93 9.11
CA GLU A 52 6.47 9.44 10.48
C GLU A 52 6.03 8.04 10.78
N THR A 53 5.11 7.55 10.01
CA THR A 53 4.43 6.31 10.27
C THR A 53 5.22 4.99 10.15
N SER A 54 6.16 4.91 9.26
CA SER A 54 6.95 3.71 9.13
C SER A 54 8.25 4.10 8.49
N VAL A 55 9.24 3.29 8.74
CA VAL A 55 10.57 3.54 8.24
C VAL A 55 11.17 2.25 7.71
N LEU A 56 11.75 2.31 6.54
CA LEU A 56 12.28 1.07 5.97
C LEU A 56 13.77 0.92 6.14
N ASP A 57 14.19 -0.21 6.67
CA ASP A 57 15.61 -0.50 6.82
C ASP A 57 16.05 -1.41 5.63
N PRO A 58 17.11 -1.05 4.91
CA PRO A 58 17.50 -1.79 3.75
C PRO A 58 17.79 -3.27 3.96
N ASP A 59 18.24 -3.59 5.19
CA ASP A 59 18.60 -4.96 5.57
C ASP A 59 17.52 -5.69 6.34
N GLU A 60 16.86 -4.94 7.22
CA GLU A 60 15.84 -5.53 8.07
C GLU A 60 14.41 -5.38 7.60
N GLY A 61 14.14 -4.50 6.63
CA GLY A 61 12.74 -4.39 6.22
C GLY A 61 11.99 -3.36 7.03
N ILE A 62 10.70 -3.32 6.84
CA ILE A 62 9.88 -2.30 7.42
C ILE A 62 9.61 -2.32 8.93
N ARG A 63 9.53 -1.15 9.52
CA ARG A 63 9.09 -1.03 10.88
C ARG A 63 7.95 -0.01 10.90
N PHE A 64 6.89 -0.39 11.58
CA PHE A 64 5.71 0.41 11.75
C PHE A 64 5.83 1.02 13.11
N ARG A 65 6.09 2.33 13.14
CA ARG A 65 6.29 3.06 14.37
C ARG A 65 7.29 2.30 15.24
N GLY A 66 8.35 1.80 14.66
CA GLY A 66 9.32 1.09 15.48
C GLY A 66 9.09 -0.43 15.63
N PHE A 67 7.97 -0.99 15.16
CA PHE A 67 7.80 -2.43 15.30
C PHE A 67 7.90 -3.19 14.01
N SER A 68 8.55 -4.31 14.05
CA SER A 68 8.62 -5.15 12.90
C SER A 68 7.36 -5.95 12.73
N ILE A 69 7.25 -6.58 11.59
CA ILE A 69 6.11 -7.40 11.32
C ILE A 69 5.87 -8.50 12.36
N PRO A 70 6.92 -9.22 12.73
CA PRO A 70 6.77 -10.29 13.69
C PRO A 70 6.27 -9.77 15.02
N GLU A 71 6.73 -8.58 15.38
CA GLU A 71 6.24 -7.90 16.56
C GLU A 71 4.79 -7.54 16.44
N CYS A 72 4.39 -6.94 15.33
CA CYS A 72 3.00 -6.65 15.18
C CYS A 72 2.13 -7.91 15.29
N GLN A 73 2.56 -8.93 14.58
CA GLN A 73 1.80 -10.15 14.58
C GLN A 73 1.54 -10.57 16.01
N LYS A 74 2.59 -10.40 16.76
CA LYS A 74 2.55 -10.75 18.13
C LYS A 74 1.75 -9.79 19.01
N LEU A 75 1.96 -8.48 18.84
CA LEU A 75 1.29 -7.51 19.69
C LEU A 75 -0.10 -7.06 19.30
N LEU A 76 -0.40 -7.02 18.01
CA LEU A 76 -1.68 -6.45 17.65
C LEU A 76 -2.86 -7.34 17.99
N PRO A 77 -4.01 -6.73 18.34
CA PRO A 77 -5.20 -7.49 18.61
C PRO A 77 -5.67 -8.30 17.42
N LYS A 78 -6.20 -9.52 17.68
CA LYS A 78 -6.66 -10.41 16.66
C LYS A 78 -8.15 -10.58 16.73
N ALA A 79 -8.73 -11.22 15.71
CA ALA A 79 -10.17 -11.49 15.73
C ALA A 79 -10.44 -12.55 16.81
N GLY A 80 -11.66 -12.64 17.26
CA GLY A 80 -11.99 -13.69 18.21
C GLY A 80 -11.81 -15.03 17.52
N GLY A 81 -10.88 -15.80 18.06
CA GLY A 81 -10.57 -17.10 17.51
C GLY A 81 -9.61 -16.98 16.35
N GLY A 82 -9.12 -15.74 16.13
CA GLY A 82 -8.22 -15.43 15.03
C GLY A 82 -6.74 -15.58 15.35
N GLU A 83 -5.94 -15.58 14.31
CA GLU A 83 -4.51 -15.65 14.47
C GLU A 83 -3.82 -14.45 13.81
N GLU A 84 -4.45 -13.80 12.80
CA GLU A 84 -3.80 -12.66 12.07
C GLU A 84 -4.23 -11.32 12.65
N PRO A 85 -3.32 -10.35 12.63
CA PRO A 85 -3.60 -9.06 13.20
C PRO A 85 -4.71 -8.34 12.45
N LEU A 86 -5.55 -7.58 13.17
CA LEU A 86 -6.62 -6.83 12.52
C LEU A 86 -6.03 -5.50 12.02
N PRO A 87 -6.31 -5.13 10.78
CA PRO A 87 -5.75 -3.90 10.21
C PRO A 87 -6.18 -2.65 10.99
N GLU A 88 -7.38 -2.69 11.59
CA GLU A 88 -7.85 -1.63 12.44
C GLU A 88 -6.77 -1.29 13.48
N GLY A 89 -6.21 -2.33 14.07
CA GLY A 89 -5.21 -2.11 15.11
C GLY A 89 -3.95 -1.51 14.55
N LEU A 90 -3.56 -1.98 13.35
CA LEU A 90 -2.37 -1.45 12.72
C LEU A 90 -2.60 0.05 12.47
N PHE A 91 -3.81 0.41 12.07
CA PHE A 91 -4.16 1.83 11.84
C PHE A 91 -3.96 2.68 13.12
N TRP A 92 -4.46 2.15 14.21
CA TRP A 92 -4.29 2.83 15.48
C TRP A 92 -2.84 3.09 15.79
N LEU A 93 -2.01 2.08 15.55
CA LEU A 93 -0.59 2.16 15.84
C LEU A 93 0.09 3.23 15.00
N LEU A 94 -0.23 3.24 13.71
CA LEU A 94 0.40 4.18 12.82
C LEU A 94 0.04 5.58 13.21
N VAL A 95 -1.21 5.80 13.52
CA VAL A 95 -1.66 7.14 13.82
C VAL A 95 -1.20 7.68 15.15
N THR A 96 -1.24 6.86 16.19
CA THR A 96 -0.85 7.29 17.56
C THR A 96 0.55 6.91 17.96
N GLY A 97 1.09 5.87 17.32
CA GLY A 97 2.38 5.45 17.75
C GLY A 97 2.29 4.52 18.97
N GLN A 98 1.08 4.17 19.40
CA GLN A 98 0.93 3.24 20.49
C GLN A 98 0.12 2.03 20.07
N ILE A 99 0.44 0.91 20.73
CA ILE A 99 -0.29 -0.36 20.54
C ILE A 99 -1.67 -0.25 21.13
N PRO A 100 -2.67 -0.50 20.34
CA PRO A 100 -4.00 -0.33 20.85
C PRO A 100 -4.46 -1.48 21.67
N THR A 101 -5.48 -1.21 22.49
CA THR A 101 -6.17 -2.26 23.22
C THR A 101 -7.23 -2.83 22.29
N PRO A 102 -7.75 -3.98 22.65
CA PRO A 102 -8.75 -4.58 21.82
C PRO A 102 -9.99 -3.72 21.84
N GLU A 103 -10.17 -3.03 22.96
CA GLU A 103 -11.34 -2.17 23.07
C GLU A 103 -11.19 -1.03 22.06
N GLN A 104 -9.96 -0.54 21.94
CA GLN A 104 -9.73 0.56 21.00
C GLN A 104 -9.96 0.08 19.58
N VAL A 105 -9.51 -1.17 19.35
CA VAL A 105 -9.64 -1.76 18.06
C VAL A 105 -11.09 -1.92 17.65
N SER A 106 -11.90 -2.41 18.58
CA SER A 106 -13.29 -2.53 18.21
C SER A 106 -13.96 -1.21 17.95
N TRP A 107 -13.46 -0.12 18.55
CA TRP A 107 -14.07 1.17 18.29
C TRP A 107 -13.83 1.56 16.82
N VAL A 108 -12.59 1.33 16.36
CA VAL A 108 -12.25 1.62 14.96
C VAL A 108 -13.17 0.82 14.03
N SER A 109 -13.31 -0.48 14.37
CA SER A 109 -14.19 -1.32 13.56
C SER A 109 -15.61 -0.74 13.50
N LYS A 110 -16.10 -0.26 14.61
CA LYS A 110 -17.45 0.29 14.56
C LYS A 110 -17.54 1.58 13.76
N GLU A 111 -16.57 2.44 14.00
CA GLU A 111 -16.51 3.69 13.34
C GLU A 111 -16.50 3.48 11.86
N TRP A 112 -15.64 2.56 11.38
CA TRP A 112 -15.57 2.33 9.93
C TRP A 112 -16.90 1.75 9.38
N ALA A 113 -17.58 0.90 10.17
CA ALA A 113 -18.84 0.37 9.71
C ALA A 113 -19.87 1.47 9.59
N LYS A 114 -19.88 2.40 10.57
CA LYS A 114 -20.83 3.49 10.61
C LYS A 114 -20.69 4.45 9.47
N ARG A 115 -19.47 4.72 9.07
CA ARG A 115 -19.24 5.70 8.01
C ARG A 115 -19.31 5.13 6.60
N ALA A 116 -19.42 3.82 6.45
CA ALA A 116 -19.47 3.19 5.13
C ALA A 116 -20.76 3.48 4.36
N ALA A 117 -20.71 4.31 3.33
CA ALA A 117 -21.87 4.63 2.47
C ALA A 117 -21.39 5.22 1.17
N LEU A 118 -22.06 4.84 0.10
CA LEU A 118 -21.72 5.35 -1.22
C LEU A 118 -22.78 6.29 -1.78
N PRO A 119 -22.35 7.42 -2.34
CA PRO A 119 -23.28 8.33 -2.99
C PRO A 119 -23.74 7.73 -4.32
N SER A 120 -24.98 8.03 -4.71
CA SER A 120 -25.50 7.43 -5.94
C SER A 120 -24.74 7.75 -7.21
N HIS A 121 -24.19 8.93 -7.33
CA HIS A 121 -23.43 9.22 -8.51
C HIS A 121 -22.27 8.26 -8.67
N VAL A 122 -21.67 7.87 -7.54
CA VAL A 122 -20.56 6.96 -7.66
C VAL A 122 -21.06 5.58 -8.04
N VAL A 123 -22.18 5.17 -7.45
CA VAL A 123 -22.70 3.86 -7.82
C VAL A 123 -23.00 3.80 -9.33
N THR A 124 -23.57 4.88 -9.84
CA THR A 124 -23.94 4.96 -11.22
C THR A 124 -22.78 4.82 -12.16
N MET A 125 -21.71 5.53 -11.84
CA MET A 125 -20.50 5.55 -12.66
C MET A 125 -19.93 4.13 -12.75
N LEU A 126 -19.88 3.45 -11.61
CA LEU A 126 -19.29 2.11 -11.55
C LEU A 126 -20.10 1.12 -12.41
N ASP A 127 -21.40 1.18 -12.19
CA ASP A 127 -22.35 0.39 -12.94
C ASP A 127 -22.30 0.66 -14.44
N ASN A 128 -21.84 1.82 -14.91
CA ASN A 128 -21.78 2.08 -16.36
C ASN A 128 -20.43 1.85 -16.99
N PHE A 129 -19.41 1.58 -16.18
CA PHE A 129 -18.07 1.34 -16.71
C PHE A 129 -18.03 0.04 -17.53
N PRO A 130 -17.28 0.09 -18.59
CA PRO A 130 -17.17 -1.09 -19.42
C PRO A 130 -16.26 -2.11 -18.78
N THR A 131 -16.41 -3.38 -19.18
CA THR A 131 -15.61 -4.42 -18.57
C THR A 131 -14.14 -4.43 -19.03
N ASN A 132 -13.78 -3.70 -20.07
CA ASN A 132 -12.38 -3.70 -20.44
C ASN A 132 -11.65 -2.56 -19.75
N LEU A 133 -12.34 -1.83 -18.88
CA LEU A 133 -11.64 -0.76 -18.19
C LEU A 133 -11.00 -1.42 -16.93
N HIS A 134 -9.67 -1.37 -16.82
CA HIS A 134 -8.91 -2.01 -15.71
C HIS A 134 -9.46 -1.67 -14.33
N PRO A 135 -9.49 -2.67 -13.45
CA PRO A 135 -10.03 -2.41 -12.14
C PRO A 135 -9.37 -1.25 -11.40
N MET A 136 -8.05 -1.00 -11.62
CA MET A 136 -7.37 0.07 -10.88
C MET A 136 -7.81 1.40 -11.40
N SER A 137 -8.13 1.44 -12.68
CA SER A 137 -8.61 2.69 -13.28
C SER A 137 -9.99 2.97 -12.77
N GLN A 138 -10.78 1.89 -12.71
CA GLN A 138 -12.14 2.07 -12.19
C GLN A 138 -12.07 2.59 -10.74
N LEU A 139 -11.16 2.01 -9.94
CA LEU A 139 -11.00 2.43 -8.53
C LEU A 139 -10.61 3.92 -8.40
N SER A 140 -9.60 4.33 -9.12
CA SER A 140 -9.11 5.70 -9.05
C SER A 140 -10.18 6.69 -9.48
N ALA A 141 -10.86 6.42 -10.58
CA ALA A 141 -11.92 7.34 -11.02
C ALA A 141 -13.04 7.46 -9.96
N ALA A 142 -13.47 6.32 -9.37
CA ALA A 142 -14.49 6.39 -8.33
C ALA A 142 -14.04 7.18 -7.12
N ILE A 143 -12.78 7.02 -6.72
CA ILE A 143 -12.31 7.79 -5.57
C ILE A 143 -12.26 9.29 -5.88
N THR A 144 -11.79 9.61 -7.10
CA THR A 144 -11.77 10.99 -7.54
C THR A 144 -13.19 11.54 -7.47
N ALA A 145 -14.16 10.81 -8.06
CA ALA A 145 -15.58 11.21 -8.04
C ALA A 145 -16.16 11.36 -6.63
N LEU A 146 -15.62 10.69 -5.61
CA LEU A 146 -16.12 10.83 -4.23
C LEU A 146 -15.77 12.22 -3.62
N ASN A 147 -14.85 12.92 -4.25
CA ASN A 147 -14.44 14.21 -3.70
C ASN A 147 -15.54 15.26 -3.53
N SER A 148 -16.70 15.04 -4.11
CA SER A 148 -17.85 15.93 -3.94
C SER A 148 -18.26 15.88 -2.45
N GLU A 149 -17.88 14.81 -1.80
CA GLU A 149 -18.24 14.61 -0.43
C GLU A 149 -17.19 15.14 0.53
N SER A 150 -16.06 15.60 0.02
CA SER A 150 -14.98 16.00 0.91
C SER A 150 -15.32 17.08 1.96
N ASN A 151 -15.05 16.78 3.22
CA ASN A 151 -15.23 17.75 4.31
C ASN A 151 -14.05 18.70 4.34
N PHE A 152 -12.89 18.20 3.96
CA PHE A 152 -11.73 19.08 3.95
C PHE A 152 -11.88 20.11 2.85
N ALA A 153 -12.30 19.65 1.68
CA ALA A 153 -12.48 20.54 0.55
C ALA A 153 -13.46 21.63 0.92
N ARG A 154 -14.55 21.25 1.57
CA ARG A 154 -15.59 22.16 2.00
C ARG A 154 -15.12 23.19 3.04
N ALA A 155 -14.39 22.77 4.04
CA ALA A 155 -13.91 23.67 5.05
C ALA A 155 -12.91 24.65 4.49
N TYR A 156 -12.07 24.19 3.56
CA TYR A 156 -11.12 25.02 2.92
C TYR A 156 -11.83 26.15 2.20
N ALA A 157 -12.80 25.80 1.40
CA ALA A 157 -13.59 26.75 0.66
C ALA A 157 -14.29 27.79 1.56
N GLU A 158 -14.59 27.39 2.79
CA GLU A 158 -15.20 28.27 3.81
C GLU A 158 -14.16 29.12 4.57
N GLY A 159 -12.88 29.01 4.24
CA GLY A 159 -11.89 29.83 4.87
C GLY A 159 -11.35 29.32 6.20
N ILE A 160 -11.47 28.06 6.48
CA ILE A 160 -10.93 27.59 7.73
C ILE A 160 -9.46 28.00 8.03
N ASN A 161 -9.18 28.34 9.27
CA ASN A 161 -7.82 28.71 9.57
C ASN A 161 -6.91 27.50 9.34
N ARG A 162 -5.70 27.72 8.82
CA ARG A 162 -4.80 26.59 8.55
C ARG A 162 -4.58 25.66 9.74
N THR A 163 -4.56 26.19 10.98
CA THR A 163 -4.30 25.35 12.17
C THR A 163 -5.33 24.19 12.30
N LYS A 164 -6.51 24.30 11.69
CA LYS A 164 -7.48 23.22 11.84
C LYS A 164 -7.53 22.21 10.72
N TYR A 165 -6.66 22.36 9.71
CA TYR A 165 -6.70 21.43 8.62
C TYR A 165 -6.75 19.99 9.07
N TRP A 166 -5.86 19.63 9.99
CA TRP A 166 -5.81 18.23 10.42
C TRP A 166 -7.14 17.60 10.81
N GLU A 167 -8.02 18.38 11.41
CA GLU A 167 -9.30 17.86 11.89
C GLU A 167 -10.19 17.41 10.77
N PHE A 168 -10.16 18.14 9.67
CA PHE A 168 -10.96 17.78 8.49
C PHE A 168 -10.31 16.71 7.67
N VAL A 169 -8.97 16.69 7.67
CA VAL A 169 -8.29 15.62 7.04
C VAL A 169 -8.63 14.32 7.75
N TYR A 170 -8.62 14.30 9.07
CA TYR A 170 -8.94 13.11 9.80
C TYR A 170 -10.35 12.59 9.46
N GLU A 171 -11.32 13.49 9.31
CA GLU A 171 -12.68 13.04 9.00
C GLU A 171 -12.76 12.39 7.64
N ASP A 172 -12.21 13.08 6.63
CA ASP A 172 -12.17 12.55 5.29
C ASP A 172 -11.43 11.20 5.24
N ALA A 173 -10.33 11.12 6.01
CA ALA A 173 -9.53 9.88 6.05
C ALA A 173 -10.36 8.70 6.60
N MET A 174 -11.02 8.89 7.73
CA MET A 174 -11.84 7.81 8.26
C MET A 174 -13.03 7.47 7.34
N ASP A 175 -13.61 8.50 6.67
CA ASP A 175 -14.69 8.27 5.74
C ASP A 175 -14.22 7.50 4.53
N LEU A 176 -13.04 7.82 4.04
CA LEU A 176 -12.53 7.18 2.86
C LEU A 176 -12.16 5.68 3.11
N ILE A 177 -11.55 5.44 4.29
CA ILE A 177 -11.20 4.10 4.67
C ILE A 177 -12.44 3.25 4.76
N ALA A 178 -13.47 3.84 5.34
CA ALA A 178 -14.74 3.20 5.47
C ALA A 178 -15.37 2.83 4.15
N LYS A 179 -15.28 3.71 3.22
CA LYS A 179 -15.91 3.48 1.94
C LYS A 179 -15.13 2.60 0.96
N LEU A 180 -13.83 2.46 1.20
CA LEU A 180 -13.01 1.72 0.25
C LEU A 180 -13.49 0.32 -0.06
N PRO A 181 -13.82 -0.45 0.96
CA PRO A 181 -14.25 -1.80 0.69
C PRO A 181 -15.53 -1.87 -0.14
N CYS A 182 -16.41 -0.89 0.01
CA CYS A 182 -17.65 -0.88 -0.80
C CYS A 182 -17.31 -0.58 -2.25
N VAL A 183 -16.41 0.37 -2.46
CA VAL A 183 -16.01 0.68 -3.83
C VAL A 183 -15.34 -0.52 -4.49
N ALA A 184 -14.32 -1.04 -3.80
CA ALA A 184 -13.57 -2.13 -4.30
C ALA A 184 -14.46 -3.36 -4.59
N ALA A 185 -15.40 -3.64 -3.67
CA ALA A 185 -16.28 -4.81 -3.83
C ALA A 185 -17.30 -4.65 -4.93
N LYS A 186 -17.82 -3.41 -5.13
CA LYS A 186 -18.76 -3.19 -6.19
C LYS A 186 -18.08 -3.44 -7.55
N ILE A 187 -16.81 -3.03 -7.68
CA ILE A 187 -16.08 -3.25 -8.93
C ILE A 187 -15.97 -4.77 -9.18
N TYR A 188 -15.56 -5.49 -8.14
CA TYR A 188 -15.39 -6.94 -8.20
C TYR A 188 -16.66 -7.66 -8.65
N ARG A 189 -17.81 -7.28 -8.05
CA ARG A 189 -19.09 -7.85 -8.38
C ARG A 189 -19.55 -7.50 -9.81
N ASN A 190 -19.37 -6.27 -10.21
CA ASN A 190 -19.80 -5.85 -11.54
C ASN A 190 -18.97 -6.56 -12.61
N LEU A 191 -17.71 -6.77 -12.33
CA LEU A 191 -16.85 -7.36 -13.32
C LEU A 191 -16.95 -8.84 -13.35
N TYR A 192 -17.00 -9.45 -12.19
CA TYR A 192 -16.94 -10.87 -12.14
C TYR A 192 -18.12 -11.62 -11.58
N ARG A 193 -19.11 -10.92 -11.07
CA ARG A 193 -20.27 -11.61 -10.53
C ARG A 193 -21.50 -10.87 -11.03
N ALA A 194 -21.46 -10.48 -12.30
CA ALA A 194 -22.52 -9.66 -12.91
C ALA A 194 -23.94 -10.12 -12.55
N GLY A 195 -24.73 -9.17 -12.00
CA GLY A 195 -26.14 -9.38 -11.58
C GLY A 195 -26.37 -9.53 -10.06
N SER A 196 -25.28 -9.71 -9.34
CA SER A 196 -25.33 -9.82 -7.91
C SER A 196 -25.07 -8.44 -7.27
N SER A 197 -25.31 -8.35 -5.94
CA SER A 197 -25.15 -7.16 -5.07
C SER A 197 -24.17 -7.39 -3.92
N ILE A 198 -23.47 -6.31 -3.54
CA ILE A 198 -22.49 -6.38 -2.46
C ILE A 198 -23.11 -6.59 -1.10
N GLY A 199 -24.36 -6.20 -1.04
CA GLY A 199 -25.06 -6.37 0.21
C GLY A 199 -24.77 -5.25 1.18
N ALA A 200 -25.01 -5.51 2.46
CA ALA A 200 -24.83 -4.48 3.46
C ALA A 200 -23.79 -4.76 4.52
N ILE A 201 -23.29 -3.67 5.12
CA ILE A 201 -22.29 -3.69 6.16
C ILE A 201 -22.93 -4.14 7.48
N ASP A 202 -22.22 -5.00 8.20
CA ASP A 202 -22.62 -5.50 9.49
C ASP A 202 -21.77 -4.79 10.49
N SER A 203 -22.40 -3.91 11.21
CA SER A 203 -21.71 -3.09 12.20
C SER A 203 -21.00 -3.89 13.27
N LYS A 204 -21.29 -5.18 13.32
CA LYS A 204 -20.68 -6.03 14.32
C LYS A 204 -19.41 -6.75 13.85
N LEU A 205 -19.05 -6.60 12.59
CA LEU A 205 -17.85 -7.28 12.14
C LEU A 205 -16.70 -6.33 11.92
N ASP A 206 -15.50 -6.94 11.88
CA ASP A 206 -14.28 -6.24 11.59
C ASP A 206 -14.31 -5.89 10.09
N TRP A 207 -13.52 -4.89 9.78
CA TRP A 207 -13.43 -4.33 8.44
C TRP A 207 -13.09 -5.35 7.38
N SER A 208 -12.11 -6.20 7.66
CA SER A 208 -11.73 -7.26 6.69
C SER A 208 -12.88 -8.23 6.37
N HIS A 209 -13.58 -8.59 7.44
CA HIS A 209 -14.72 -9.49 7.38
C HIS A 209 -15.89 -8.90 6.61
N ASN A 210 -16.20 -7.62 6.79
CA ASN A 210 -17.28 -7.08 5.97
C ASN A 210 -16.79 -7.09 4.51
N PHE A 211 -15.51 -6.82 4.31
CA PHE A 211 -14.97 -6.77 2.98
C PHE A 211 -15.09 -8.11 2.27
N THR A 212 -14.67 -9.21 2.92
CA THR A 212 -14.74 -10.53 2.31
C THR A 212 -16.16 -10.99 2.06
N ASN A 213 -17.09 -10.58 2.90
CA ASN A 213 -18.49 -10.88 2.66
C ASN A 213 -18.98 -10.12 1.40
N MET A 214 -18.55 -8.87 1.25
CA MET A 214 -19.00 -8.14 0.06
C MET A 214 -18.42 -8.69 -1.22
N LEU A 215 -17.21 -9.27 -1.13
CA LEU A 215 -16.46 -9.95 -2.24
C LEU A 215 -17.12 -11.30 -2.52
N GLY A 216 -17.85 -11.81 -1.52
CA GLY A 216 -18.63 -13.05 -1.63
C GLY A 216 -17.89 -14.31 -1.22
N TYR A 217 -16.89 -14.20 -0.33
CA TYR A 217 -16.10 -15.38 0.03
C TYR A 217 -16.49 -15.88 1.39
N THR A 218 -16.68 -17.18 1.50
CA THR A 218 -17.12 -17.74 2.77
C THR A 218 -16.04 -18.40 3.65
N ASP A 219 -14.98 -18.89 3.04
CA ASP A 219 -13.90 -19.56 3.77
C ASP A 219 -13.32 -18.68 4.88
N PRO A 220 -13.28 -19.25 6.07
CA PRO A 220 -12.77 -18.56 7.23
C PRO A 220 -11.30 -18.28 7.15
N GLN A 221 -10.58 -19.14 6.44
CA GLN A 221 -9.17 -18.95 6.29
C GLN A 221 -8.87 -17.83 5.32
N PHE A 222 -9.83 -17.62 4.43
CA PHE A 222 -9.72 -16.53 3.48
C PHE A 222 -9.80 -15.18 4.22
N THR A 223 -10.67 -15.16 5.23
CA THR A 223 -10.87 -13.98 6.07
C THR A 223 -9.55 -13.66 6.80
N GLU A 224 -8.89 -14.70 7.32
CA GLU A 224 -7.64 -14.56 8.01
C GLU A 224 -6.56 -14.07 7.04
N LEU A 225 -6.58 -14.60 5.83
CA LEU A 225 -5.61 -14.16 4.83
C LEU A 225 -5.82 -12.67 4.55
N MET A 226 -7.10 -12.28 4.37
CA MET A 226 -7.42 -10.90 4.10
C MET A 226 -6.93 -9.98 5.24
N ARG A 227 -7.09 -10.40 6.46
CA ARG A 227 -6.64 -9.62 7.64
C ARG A 227 -5.14 -9.34 7.57
N LEU A 228 -4.39 -10.39 7.36
CA LEU A 228 -2.93 -10.30 7.25
C LEU A 228 -2.51 -9.49 6.03
N TYR A 229 -3.17 -9.74 4.90
CA TYR A 229 -2.83 -9.03 3.64
C TYR A 229 -2.97 -7.54 3.84
N LEU A 230 -4.14 -7.14 4.36
CA LEU A 230 -4.41 -5.74 4.53
C LEU A 230 -3.52 -5.11 5.60
N THR A 231 -3.06 -5.92 6.52
CA THR A 231 -2.18 -5.36 7.52
C THR A 231 -0.79 -5.10 6.91
N ILE A 232 -0.23 -6.09 6.18
CA ILE A 232 1.15 -5.98 5.76
C ILE A 232 1.40 -5.10 4.57
N HIS A 233 0.32 -4.78 3.83
CA HIS A 233 0.47 -3.97 2.63
C HIS A 233 0.28 -2.48 2.97
N SER A 234 0.01 -2.21 4.26
CA SER A 234 -0.42 -0.92 4.78
C SER A 234 0.42 0.33 4.50
N ASP A 235 1.75 0.23 4.70
CA ASP A 235 2.68 1.34 4.60
C ASP A 235 4.08 0.84 4.29
N HIS A 236 4.91 1.65 3.63
CA HIS A 236 6.23 1.15 3.37
C HIS A 236 7.12 2.35 3.28
N GLU A 237 7.05 3.14 4.36
CA GLU A 237 7.76 4.43 4.47
C GLU A 237 7.25 5.41 3.44
N GLY A 238 7.88 6.57 3.30
CA GLY A 238 7.36 7.63 2.44
C GLY A 238 7.84 7.73 1.04
N GLY A 239 8.92 7.10 0.67
CA GLY A 239 9.43 7.34 -0.71
C GLY A 239 8.94 6.39 -1.76
N ASN A 240 8.12 5.46 -1.41
CA ASN A 240 7.59 4.59 -2.42
C ASN A 240 6.63 5.42 -3.28
N VAL A 241 6.49 5.03 -4.53
CA VAL A 241 5.68 5.83 -5.46
C VAL A 241 4.27 6.21 -4.95
N SER A 242 3.52 5.22 -4.39
CA SER A 242 2.17 5.56 -3.99
C SER A 242 2.17 6.50 -2.81
N ALA A 243 2.94 6.20 -1.79
CA ALA A 243 2.94 7.10 -0.65
C ALA A 243 3.45 8.49 -1.00
N HIS A 244 4.57 8.51 -1.77
CA HIS A 244 5.16 9.79 -2.14
C HIS A 244 4.16 10.63 -2.96
N THR A 245 3.45 10.00 -3.90
CA THR A 245 2.46 10.69 -4.71
C THR A 245 1.35 11.27 -3.79
N SER A 246 0.81 10.47 -2.83
CA SER A 246 -0.19 11.02 -1.95
C SER A 246 0.34 12.21 -1.16
N HIS A 247 1.63 12.09 -0.78
CA HIS A 247 2.27 13.15 0.03
C HIS A 247 2.43 14.43 -0.76
N LEU A 248 2.96 14.31 -1.93
CA LEU A 248 3.17 15.42 -2.82
C LEU A 248 1.81 16.07 -3.19
N VAL A 249 0.79 15.30 -3.59
CA VAL A 249 -0.49 15.92 -3.95
C VAL A 249 -1.16 16.56 -2.72
N GLY A 250 -1.09 15.87 -1.59
CA GLY A 250 -1.68 16.38 -0.39
C GLY A 250 -1.04 17.68 0.02
N SER A 251 0.25 17.89 -0.35
CA SER A 251 1.00 19.09 0.05
C SER A 251 0.47 20.36 -0.59
N ALA A 252 -0.29 20.21 -1.67
CA ALA A 252 -0.84 21.37 -2.34
C ALA A 252 -2.21 21.70 -1.78
N LEU A 253 -2.62 20.89 -0.80
CA LEU A 253 -3.91 21.04 -0.16
C LEU A 253 -5.08 20.42 -0.89
N SER A 254 -4.77 19.51 -1.86
CA SER A 254 -5.81 18.75 -2.47
C SER A 254 -6.36 17.89 -1.36
N ASP A 255 -7.66 17.59 -1.40
CA ASP A 255 -8.24 16.80 -0.33
C ASP A 255 -7.79 15.34 -0.35
N PRO A 256 -8.01 14.60 0.75
CA PRO A 256 -7.62 13.20 0.82
C PRO A 256 -8.12 12.27 -0.31
N TYR A 257 -9.31 12.57 -0.84
CA TYR A 257 -9.86 11.77 -1.94
C TYR A 257 -8.99 11.94 -3.17
N LEU A 258 -8.74 13.17 -3.58
CA LEU A 258 -7.85 13.48 -4.70
C LEU A 258 -6.42 12.95 -4.50
N SER A 259 -5.88 13.08 -3.27
CA SER A 259 -4.55 12.59 -2.97
C SER A 259 -4.40 11.07 -3.05
N PHE A 260 -5.39 10.36 -2.53
CA PHE A 260 -5.41 8.93 -2.54
C PHE A 260 -5.60 8.40 -4.00
N ALA A 261 -6.52 9.04 -4.79
CA ALA A 261 -6.74 8.64 -6.21
C ALA A 261 -5.45 8.81 -7.01
N ALA A 262 -4.72 9.92 -6.80
CA ALA A 262 -3.49 10.10 -7.55
C ALA A 262 -2.55 8.98 -7.16
N ALA A 263 -2.55 8.60 -5.85
CA ALA A 263 -1.63 7.56 -5.41
C ALA A 263 -1.92 6.24 -6.10
N MET A 264 -3.21 5.99 -6.28
CA MET A 264 -3.62 4.78 -6.96
C MET A 264 -3.09 4.74 -8.37
N ASN A 265 -3.06 5.90 -9.01
CA ASN A 265 -2.53 5.90 -10.37
C ASN A 265 -1.06 5.51 -10.38
N GLY A 266 -0.33 5.86 -9.29
CA GLY A 266 1.09 5.47 -9.17
C GLY A 266 1.20 3.95 -8.82
N LEU A 267 0.32 3.46 -7.93
CA LEU A 267 0.27 2.01 -7.56
C LEU A 267 -0.03 1.12 -8.80
N ALA A 268 -0.75 1.69 -9.80
CA ALA A 268 -1.13 0.94 -11.01
C ALA A 268 0.04 0.73 -11.98
N GLY A 269 1.20 1.33 -11.68
CA GLY A 269 2.33 1.15 -12.56
C GLY A 269 2.97 -0.24 -12.37
N PRO A 270 3.41 -0.84 -13.47
CA PRO A 270 4.03 -2.18 -13.52
C PRO A 270 5.28 -2.34 -12.65
N LEU A 271 5.98 -1.24 -12.43
CA LEU A 271 7.16 -1.21 -11.58
C LEU A 271 6.77 -1.04 -10.10
N HIS A 272 5.51 -0.70 -9.82
CA HIS A 272 5.06 -0.58 -8.44
C HIS A 272 4.07 -1.71 -8.07
N GLY A 273 2.87 -1.37 -7.67
CA GLY A 273 1.86 -2.31 -7.20
C GLY A 273 1.31 -3.25 -8.26
N LEU A 274 1.28 -2.79 -9.52
CA LEU A 274 0.80 -3.69 -10.56
C LEU A 274 1.67 -4.97 -10.65
N ALA A 275 2.87 -4.97 -10.08
CA ALA A 275 3.72 -6.17 -10.13
C ALA A 275 3.00 -7.38 -9.56
N ASN A 276 2.09 -7.18 -8.54
CA ASN A 276 1.40 -8.35 -7.98
C ASN A 276 0.60 -9.12 -9.00
N GLN A 277 0.02 -8.40 -9.93
CA GLN A 277 -0.76 -8.93 -11.05
C GLN A 277 0.19 -9.50 -12.09
N GLU A 278 1.25 -8.73 -12.42
CA GLU A 278 2.26 -9.16 -13.39
C GLU A 278 2.92 -10.50 -13.03
N VAL A 279 3.15 -10.72 -11.76
CA VAL A 279 3.79 -11.98 -11.29
C VAL A 279 2.92 -13.20 -11.71
N LEU A 280 1.63 -13.08 -11.47
CA LEU A 280 0.67 -14.14 -11.79
C LEU A 280 0.55 -14.37 -13.29
N LEU A 281 0.51 -13.27 -14.06
CA LEU A 281 0.46 -13.38 -15.51
C LEU A 281 1.75 -14.08 -16.02
N TRP A 282 2.92 -13.73 -15.45
CA TRP A 282 4.21 -14.34 -15.84
C TRP A 282 4.25 -15.80 -15.45
N LEU A 283 3.69 -16.12 -14.28
CA LEU A 283 3.61 -17.51 -13.86
C LEU A 283 2.68 -18.30 -14.75
N SER A 284 1.55 -17.70 -15.15
CA SER A 284 0.61 -18.38 -16.04
C SER A 284 1.21 -18.73 -17.39
N GLN A 285 2.02 -17.83 -17.95
CA GLN A 285 2.69 -18.06 -19.22
C GLN A 285 3.74 -19.13 -18.99
N LEU A 286 4.28 -19.14 -17.78
CA LEU A 286 5.32 -20.09 -17.48
C LEU A 286 4.78 -21.50 -17.55
N GLN A 287 3.82 -21.74 -16.69
CA GLN A 287 3.16 -23.02 -16.56
C GLN A 287 2.58 -23.42 -17.88
N LYS A 288 2.32 -22.43 -18.70
CA LYS A 288 1.73 -22.70 -19.98
C LYS A 288 2.73 -23.16 -21.01
N ASP A 289 3.87 -22.50 -21.03
CA ASP A 289 4.94 -22.82 -21.94
C ASP A 289 5.56 -24.13 -21.53
N LEU A 290 6.02 -24.16 -20.29
CA LEU A 290 6.69 -25.33 -19.78
C LEU A 290 5.80 -26.42 -19.20
N GLY A 291 4.64 -26.04 -18.70
CA GLY A 291 3.73 -27.00 -18.12
C GLY A 291 4.10 -27.39 -16.69
N ALA A 292 3.17 -27.09 -15.77
CA ALA A 292 3.16 -27.32 -14.31
C ALA A 292 4.47 -27.63 -13.56
N ASP A 293 4.96 -28.85 -13.71
CA ASP A 293 6.17 -29.27 -13.03
C ASP A 293 7.46 -29.14 -13.87
N ALA A 294 8.06 -27.95 -13.82
CA ALA A 294 9.26 -27.72 -14.58
C ALA A 294 10.53 -28.06 -13.82
N SER A 295 11.56 -28.31 -14.60
CA SER A 295 12.88 -28.60 -14.10
C SER A 295 13.59 -27.28 -13.87
N ASP A 296 14.67 -27.35 -13.15
CA ASP A 296 15.37 -26.15 -12.83
C ASP A 296 15.98 -25.48 -14.05
N GLU A 297 16.57 -26.31 -14.92
CA GLU A 297 17.22 -25.77 -16.10
C GLU A 297 16.24 -25.06 -17.05
N LYS A 298 15.02 -25.59 -17.09
CA LYS A 298 13.99 -24.98 -17.90
C LYS A 298 13.50 -23.66 -17.32
N LEU A 299 13.41 -23.56 -15.98
CA LEU A 299 13.00 -22.32 -15.33
C LEU A 299 14.06 -21.28 -15.62
N ARG A 300 15.32 -21.69 -15.56
CA ARG A 300 16.43 -20.78 -15.86
C ARG A 300 16.26 -20.19 -17.28
N ASP A 301 16.03 -21.09 -18.23
CA ASP A 301 15.89 -20.72 -19.60
C ASP A 301 14.81 -19.68 -19.75
N TYR A 302 13.66 -20.00 -19.17
CA TYR A 302 12.53 -19.13 -19.20
C TYR A 302 12.84 -17.73 -18.60
N ILE A 303 13.60 -17.70 -17.48
CA ILE A 303 13.97 -16.43 -16.88
C ILE A 303 14.86 -15.63 -17.79
N TRP A 304 15.82 -16.34 -18.39
CA TRP A 304 16.74 -15.71 -19.31
C TRP A 304 16.04 -15.09 -20.49
N ASN A 305 15.08 -15.79 -21.07
CA ASN A 305 14.33 -15.24 -22.20
C ASN A 305 13.68 -13.86 -21.87
N THR A 306 13.10 -13.75 -20.68
CA THR A 306 12.52 -12.53 -20.19
C THR A 306 13.57 -11.45 -20.19
N LEU A 307 14.70 -11.74 -19.51
CA LEU A 307 15.77 -10.78 -19.41
C LEU A 307 16.35 -10.36 -20.76
N ASN A 308 16.48 -11.33 -21.62
CA ASN A 308 17.04 -11.07 -22.92
C ASN A 308 16.13 -10.28 -23.80
N SER A 309 14.84 -10.30 -23.51
CA SER A 309 13.84 -9.61 -24.31
C SER A 309 13.63 -8.15 -23.88
N GLY A 310 14.43 -7.68 -22.93
CA GLY A 310 14.35 -6.30 -22.43
C GLY A 310 13.15 -6.03 -21.50
N ARG A 311 12.83 -7.05 -20.67
CA ARG A 311 11.76 -7.00 -19.71
C ARG A 311 12.27 -7.26 -18.28
N VAL A 312 11.48 -6.92 -17.29
CA VAL A 312 11.89 -7.23 -15.93
C VAL A 312 11.25 -8.54 -15.50
N VAL A 313 11.85 -9.16 -14.45
CA VAL A 313 11.31 -10.39 -13.87
C VAL A 313 10.45 -9.84 -12.71
N PRO A 314 9.12 -9.92 -12.79
CA PRO A 314 8.29 -9.26 -11.77
C PRO A 314 8.45 -9.85 -10.39
N GLY A 315 8.38 -9.00 -9.35
CA GLY A 315 8.38 -9.52 -8.03
C GLY A 315 9.72 -9.69 -7.35
N TYR A 316 10.77 -9.35 -8.06
CA TYR A 316 12.14 -9.40 -7.59
C TYR A 316 12.79 -8.01 -7.67
N GLY A 317 13.63 -7.70 -6.69
CA GLY A 317 14.27 -6.43 -6.70
C GLY A 317 13.52 -5.41 -5.87
N HIS A 318 14.25 -4.33 -5.54
CA HIS A 318 13.67 -3.21 -4.73
C HIS A 318 14.52 -1.96 -4.79
N ALA A 319 13.90 -0.79 -4.62
CA ALA A 319 14.67 0.41 -4.68
C ALA A 319 15.46 0.60 -3.42
N VAL A 320 15.01 -0.01 -2.33
CA VAL A 320 15.70 0.23 -1.09
C VAL A 320 16.15 -1.06 -0.38
N LEU A 321 15.25 -2.03 -0.31
CA LEU A 321 15.60 -3.27 0.35
C LEU A 321 16.79 -3.90 -0.40
N ARG A 322 17.67 -4.55 0.37
CA ARG A 322 18.82 -5.23 -0.18
C ARG A 322 18.85 -6.70 0.21
N LYS A 323 17.83 -7.16 0.91
CA LYS A 323 17.68 -8.54 1.35
C LYS A 323 16.25 -8.90 1.11
N THR A 324 15.90 -10.19 1.25
CA THR A 324 14.56 -10.69 1.10
C THR A 324 13.55 -9.91 1.94
N ASP A 325 12.52 -9.39 1.28
CA ASP A 325 11.48 -8.65 1.95
C ASP A 325 10.79 -9.49 3.04
N PRO A 326 10.78 -9.01 4.30
CA PRO A 326 10.10 -9.74 5.36
C PRO A 326 8.61 -9.93 5.03
N ARG A 327 8.02 -9.04 4.21
CA ARG A 327 6.64 -9.22 3.81
C ARG A 327 6.50 -10.48 2.97
N TYR A 328 7.55 -10.81 2.22
CA TYR A 328 7.55 -12.03 1.41
C TYR A 328 7.63 -13.22 2.33
N THR A 329 8.52 -13.14 3.30
CA THR A 329 8.71 -14.22 4.23
C THR A 329 7.45 -14.53 4.99
N CYS A 330 6.78 -13.47 5.37
CA CYS A 330 5.54 -13.57 6.10
C CYS A 330 4.47 -14.31 5.28
N GLN A 331 4.44 -14.04 3.99
CA GLN A 331 3.49 -14.74 3.16
C GLN A 331 3.80 -16.21 3.00
N ARG A 332 5.06 -16.49 2.79
CA ARG A 332 5.55 -17.84 2.70
C ARG A 332 5.16 -18.67 3.91
N GLU A 333 5.35 -18.09 5.08
CA GLU A 333 4.98 -18.77 6.28
C GLU A 333 3.50 -19.09 6.37
N PHE A 334 2.65 -18.17 5.90
CA PHE A 334 1.26 -18.43 5.81
C PHE A 334 1.01 -19.59 4.86
N ALA A 335 1.71 -19.60 3.73
CA ALA A 335 1.48 -20.67 2.75
C ALA A 335 1.89 -22.01 3.34
N LEU A 336 3.05 -22.04 3.98
CA LEU A 336 3.52 -23.27 4.53
C LEU A 336 2.55 -23.84 5.53
N LYS A 337 1.84 -22.95 6.24
CA LYS A 337 0.88 -23.41 7.24
C LYS A 337 -0.42 -23.86 6.63
N HIS A 338 -0.88 -23.15 5.59
CA HIS A 338 -2.19 -23.39 5.01
C HIS A 338 -2.30 -24.04 3.67
N LEU A 339 -1.32 -23.92 2.81
CA LEU A 339 -1.48 -24.48 1.50
C LEU A 339 -0.17 -25.00 0.99
N PRO A 340 0.50 -25.78 1.81
CA PRO A 340 1.83 -26.29 1.50
C PRO A 340 1.94 -27.06 0.19
N SER A 341 0.88 -27.76 -0.18
CA SER A 341 0.99 -28.54 -1.39
C SER A 341 0.45 -27.91 -2.63
N ASP A 342 0.08 -26.65 -2.58
CA ASP A 342 -0.41 -26.07 -3.81
C ASP A 342 0.73 -25.96 -4.84
N PRO A 343 0.45 -26.37 -6.07
CA PRO A 343 1.44 -26.41 -7.14
C PRO A 343 2.00 -25.06 -7.55
N MET A 344 1.17 -24.01 -7.42
CA MET A 344 1.61 -22.68 -7.73
C MET A 344 2.56 -22.17 -6.66
N PHE A 345 2.17 -22.48 -5.43
CA PHE A 345 3.00 -22.10 -4.31
C PHE A 345 4.32 -22.78 -4.52
N LYS A 346 4.22 -24.06 -4.88
CA LYS A 346 5.42 -24.86 -5.10
C LYS A 346 6.30 -24.23 -6.15
N LEU A 347 5.67 -23.73 -7.18
CA LEU A 347 6.42 -23.06 -8.24
C LEU A 347 7.08 -21.78 -7.71
N VAL A 348 6.30 -21.01 -6.97
CA VAL A 348 6.83 -19.78 -6.37
C VAL A 348 8.03 -20.13 -5.48
N ALA A 349 7.92 -21.26 -4.77
CA ALA A 349 9.01 -21.67 -3.89
C ALA A 349 10.24 -22.03 -4.68
N GLN A 350 10.01 -22.68 -5.81
CA GLN A 350 11.14 -23.09 -6.66
C GLN A 350 11.83 -21.87 -7.25
N LEU A 351 11.06 -20.86 -7.63
CA LEU A 351 11.67 -19.69 -8.22
C LEU A 351 12.57 -19.02 -7.22
N TYR A 352 12.24 -19.15 -5.91
CA TYR A 352 13.06 -18.52 -4.87
C TYR A 352 14.49 -19.05 -4.90
N LYS A 353 14.60 -20.32 -5.27
CA LYS A 353 15.87 -20.95 -5.39
C LYS A 353 16.59 -20.57 -6.65
N ILE A 354 15.86 -20.16 -7.66
CA ILE A 354 16.46 -19.86 -8.95
C ILE A 354 16.66 -18.42 -9.33
N VAL A 355 15.58 -17.66 -9.25
CA VAL A 355 15.62 -16.29 -9.66
C VAL A 355 16.80 -15.46 -9.18
N PRO A 356 17.02 -15.45 -7.88
CA PRO A 356 18.10 -14.64 -7.34
C PRO A 356 19.45 -14.93 -7.95
N ASN A 357 19.69 -16.21 -8.20
CA ASN A 357 20.96 -16.62 -8.83
C ASN A 357 21.05 -16.14 -10.26
N VAL A 358 19.96 -16.23 -10.99
CA VAL A 358 20.06 -15.71 -12.31
C VAL A 358 20.29 -14.18 -12.27
N LEU A 359 19.56 -13.45 -11.43
CA LEU A 359 19.74 -12.00 -11.41
C LEU A 359 21.18 -11.61 -11.08
N LEU A 360 21.75 -12.37 -10.18
CA LEU A 360 23.09 -12.18 -9.76
C LEU A 360 24.01 -12.46 -10.91
N GLU A 361 23.69 -13.48 -11.65
CA GLU A 361 24.52 -13.82 -12.77
C GLU A 361 24.44 -12.71 -13.83
N GLN A 362 23.25 -12.20 -14.01
CA GLN A 362 23.10 -11.13 -14.94
C GLN A 362 23.90 -9.92 -14.51
N GLY A 363 24.05 -9.74 -13.21
CA GLY A 363 24.81 -8.60 -12.69
C GLY A 363 24.24 -7.18 -12.82
N LYS A 364 22.93 -7.00 -12.99
CA LYS A 364 22.42 -5.65 -13.10
C LYS A 364 21.63 -5.23 -11.85
N ALA A 365 20.76 -6.10 -11.40
CA ALA A 365 19.92 -5.74 -10.27
C ALA A 365 20.77 -5.51 -9.03
N LYS A 366 20.45 -4.49 -8.23
CA LYS A 366 21.19 -4.25 -7.00
C LYS A 366 20.71 -5.23 -5.91
N ASN A 367 19.43 -5.52 -5.91
CA ASN A 367 18.81 -6.44 -4.97
C ASN A 367 18.26 -7.63 -5.73
N PRO A 368 18.84 -8.82 -5.61
CA PRO A 368 18.33 -9.94 -6.41
C PRO A 368 17.22 -10.74 -5.69
N TRP A 369 16.80 -10.28 -4.51
CA TRP A 369 15.81 -10.95 -3.67
C TRP A 369 14.37 -10.60 -3.97
N PRO A 370 13.45 -11.47 -3.56
CA PRO A 370 12.08 -11.20 -3.88
C PRO A 370 11.48 -10.09 -3.02
N ASN A 371 10.44 -9.47 -3.54
CA ASN A 371 9.74 -8.46 -2.79
C ASN A 371 8.35 -9.01 -2.57
N VAL A 372 7.55 -8.29 -1.80
CA VAL A 372 6.17 -8.68 -1.43
C VAL A 372 5.30 -9.23 -2.61
N ASP A 373 5.42 -8.55 -3.75
CA ASP A 373 4.59 -8.88 -4.89
C ASP A 373 4.82 -10.28 -5.42
N ALA A 374 5.99 -10.84 -5.12
CA ALA A 374 6.25 -12.18 -5.64
C ALA A 374 5.42 -13.25 -4.96
N HIS A 375 4.88 -13.00 -3.75
CA HIS A 375 4.18 -14.07 -3.04
C HIS A 375 2.65 -13.88 -2.78
N SER A 376 2.13 -12.72 -3.03
CA SER A 376 0.75 -12.37 -2.71
C SER A 376 -0.32 -13.02 -3.58
N GLY A 377 -0.17 -12.95 -4.86
CA GLY A 377 -1.21 -13.51 -5.74
C GLY A 377 -1.48 -14.98 -5.55
N VAL A 378 -0.41 -15.71 -5.32
CA VAL A 378 -0.46 -17.14 -5.16
C VAL A 378 -1.38 -17.53 -4.03
N LEU A 379 -1.33 -16.77 -2.97
CA LEU A 379 -2.19 -17.03 -1.84
C LEU A 379 -3.65 -16.81 -2.25
N LEU A 380 -3.90 -15.72 -2.93
CA LEU A 380 -5.25 -15.36 -3.38
C LEU A 380 -5.87 -16.41 -4.29
N GLN A 381 -5.12 -16.81 -5.33
CA GLN A 381 -5.50 -17.84 -6.29
C GLN A 381 -6.00 -19.12 -5.57
N TYR A 382 -5.30 -19.56 -4.54
CA TYR A 382 -5.64 -20.76 -3.81
C TYR A 382 -7.04 -20.76 -3.27
N TYR A 383 -7.47 -19.60 -2.78
CA TYR A 383 -8.78 -19.43 -2.19
C TYR A 383 -9.86 -19.18 -3.23
N GLY A 384 -9.54 -19.21 -4.49
CA GLY A 384 -10.58 -18.99 -5.50
C GLY A 384 -10.61 -17.62 -6.19
N MET A 385 -9.78 -16.65 -5.72
CA MET A 385 -9.72 -15.33 -6.34
C MET A 385 -8.69 -15.40 -7.46
N THR A 386 -9.17 -15.89 -8.58
CA THR A 386 -8.33 -16.10 -9.73
C THR A 386 -8.27 -14.90 -10.64
N GLU A 387 -9.00 -13.85 -10.33
CA GLU A 387 -9.01 -12.68 -11.21
C GLU A 387 -7.77 -11.84 -10.99
N MET A 388 -6.72 -12.18 -11.71
CA MET A 388 -5.45 -11.47 -11.49
C MET A 388 -5.37 -10.00 -11.80
N ASN A 389 -6.25 -9.47 -12.66
CA ASN A 389 -6.20 -8.06 -12.95
C ASN A 389 -6.81 -7.32 -11.78
N TYR A 390 -7.34 -8.02 -10.80
CA TYR A 390 -7.95 -7.32 -9.69
C TYR A 390 -7.04 -7.21 -8.46
N TYR A 391 -5.94 -7.92 -8.46
CA TYR A 391 -5.06 -8.01 -7.29
C TYR A 391 -4.54 -6.69 -6.72
N THR A 392 -4.19 -5.79 -7.62
CA THR A 392 -3.68 -4.51 -7.20
C THR A 392 -4.71 -3.69 -6.43
N VAL A 393 -5.98 -3.93 -6.69
CA VAL A 393 -7.05 -3.22 -5.96
C VAL A 393 -6.96 -3.54 -4.49
N LEU A 394 -6.63 -4.80 -4.15
CA LEU A 394 -6.49 -5.16 -2.76
C LEU A 394 -5.34 -4.41 -2.12
N PHE A 395 -4.26 -4.28 -2.87
CA PHE A 395 -3.10 -3.54 -2.38
C PHE A 395 -3.49 -2.08 -2.15
N GLY A 396 -4.23 -1.49 -3.10
CA GLY A 396 -4.69 -0.13 -2.92
C GLY A 396 -5.46 0.02 -1.63
N VAL A 397 -6.46 -0.85 -1.42
CA VAL A 397 -7.25 -0.79 -0.21
C VAL A 397 -6.36 -0.78 1.07
N SER A 398 -5.35 -1.64 1.11
CA SER A 398 -4.47 -1.72 2.29
C SER A 398 -3.67 -0.43 2.46
N ARG A 399 -3.12 0.02 1.32
CA ARG A 399 -2.21 1.17 1.30
C ARG A 399 -2.89 2.43 1.82
N ALA A 400 -4.20 2.47 1.72
CA ALA A 400 -4.93 3.65 2.25
C ALA A 400 -4.57 3.87 3.72
N LEU A 401 -4.44 2.76 4.46
CA LEU A 401 -4.20 2.85 5.90
C LEU A 401 -2.98 3.68 6.28
N GLY A 402 -1.90 3.40 5.59
CA GLY A 402 -0.67 4.10 5.87
C GLY A 402 -0.61 5.46 5.28
N VAL A 403 -0.95 5.65 4.04
CA VAL A 403 -0.84 7.00 3.51
C VAL A 403 -1.77 8.01 4.16
N LEU A 404 -3.00 7.58 4.56
CA LEU A 404 -3.90 8.47 5.20
C LEU A 404 -3.49 8.76 6.64
N ALA A 405 -2.90 7.82 7.31
CA ALA A 405 -2.43 8.02 8.65
C ALA A 405 -1.37 9.11 8.59
N GLN A 406 -0.48 9.06 7.60
CA GLN A 406 0.54 10.09 7.52
C GLN A 406 -0.02 11.42 7.12
N LEU A 407 -0.98 11.43 6.20
CA LEU A 407 -1.57 12.63 5.70
C LEU A 407 -2.13 13.46 6.85
N ILE A 408 -2.76 12.79 7.81
CA ILE A 408 -3.30 13.57 8.94
C ILE A 408 -2.16 14.31 9.64
N TRP A 409 -1.05 13.58 9.89
CA TRP A 409 0.14 14.18 10.49
C TRP A 409 0.82 15.29 9.68
N SER A 410 0.88 15.13 8.36
CA SER A 410 1.51 16.16 7.52
C SER A 410 0.82 17.51 7.72
N ARG A 411 -0.51 17.46 7.78
CA ARG A 411 -1.26 18.70 7.96
C ARG A 411 -1.20 19.16 9.42
N ALA A 412 -1.18 18.20 10.38
CA ALA A 412 -1.09 18.59 11.78
C ALA A 412 0.21 19.35 12.05
N LEU A 413 1.28 18.83 11.47
CA LEU A 413 2.60 19.42 11.62
C LEU A 413 2.90 20.62 10.74
N GLY A 414 1.97 20.96 9.88
CA GLY A 414 2.11 22.10 8.99
C GLY A 414 3.18 21.94 7.93
N PHE A 415 3.38 20.73 7.36
CA PHE A 415 4.40 20.52 6.28
C PHE A 415 4.03 21.35 5.08
N PRO A 416 4.99 22.10 4.49
CA PRO A 416 4.59 22.93 3.35
C PRO A 416 4.58 22.20 1.98
N LEU A 417 4.26 22.96 0.97
CA LEU A 417 4.25 22.47 -0.39
C LEU A 417 5.53 21.74 -0.75
N GLU A 418 5.41 20.56 -1.39
CA GLU A 418 6.59 19.83 -1.80
C GLU A 418 6.99 20.40 -3.15
N ARG A 419 8.15 21.06 -3.21
CA ARG A 419 8.53 21.68 -4.43
C ARG A 419 10.06 21.79 -4.55
N PRO A 420 10.70 20.74 -5.08
CA PRO A 420 12.14 20.76 -5.26
C PRO A 420 12.51 21.60 -6.49
N LYS A 421 13.79 21.83 -6.72
CA LYS A 421 14.28 22.51 -7.91
C LYS A 421 14.65 21.48 -8.98
N SER A 422 14.30 21.73 -10.22
CA SER A 422 14.75 20.78 -11.26
C SER A 422 15.90 21.45 -12.05
N MET A 423 16.52 20.63 -12.89
CA MET A 423 17.63 21.06 -13.72
C MET A 423 17.59 20.34 -15.09
N SER A 424 18.07 21.00 -16.15
CA SER A 424 18.16 20.32 -17.42
C SER A 424 19.55 19.69 -17.52
N THR A 425 19.76 18.78 -18.47
CA THR A 425 21.12 18.27 -18.64
C THR A 425 22.09 19.41 -18.97
N ALA A 426 21.66 20.28 -19.87
CA ALA A 426 22.49 21.38 -20.30
C ALA A 426 22.83 22.28 -19.15
N GLY A 427 21.87 22.58 -18.32
CA GLY A 427 22.16 23.42 -17.19
C GLY A 427 23.06 22.74 -16.18
N LEU A 428 22.89 21.43 -16.00
CA LEU A 428 23.71 20.72 -15.01
C LEU A 428 25.21 20.64 -15.42
N GLU A 429 25.42 20.45 -16.73
CA GLU A 429 26.73 20.37 -17.32
C GLU A 429 27.44 21.66 -17.05
N LYS A 430 26.74 22.78 -17.26
CA LYS A 430 27.28 24.10 -17.06
C LYS A 430 27.69 24.32 -15.61
N LEU A 431 26.84 23.88 -14.73
CA LEU A 431 27.08 23.95 -13.31
C LEU A 431 28.43 23.28 -12.95
N SER A 432 28.79 22.26 -13.70
CA SER A 432 30.00 21.51 -13.44
C SER A 432 31.14 21.91 -14.34
N ALA A 433 30.89 21.86 -15.66
CA ALA A 433 31.83 22.11 -16.77
C ALA A 433 31.34 21.36 -18.03
N GLY A 434 30.78 20.18 -17.78
CA GLY A 434 30.21 19.32 -18.80
C GLY A 434 30.96 18.02 -18.88
N GLY A 435 30.57 17.16 -19.83
CA GLY A 435 31.25 15.89 -20.00
C GLY A 435 30.75 15.19 -21.25
C1 MLT B . 5.91 -0.67 -1.44
O1 MLT B . 5.46 0.45 -1.65
O2 MLT B . 5.51 -1.41 -0.52
C2 MLT B . 6.90 -1.30 -2.38
O3 MLT B . 7.68 -2.29 -1.73
C3 MLT B . 7.70 -0.18 -3.05
C4 MLT B . 8.69 0.62 -2.24
O4 MLT B . 8.78 0.44 -0.99
O5 MLT B . 9.46 1.37 -2.92
N1A NMX C . 14.26 -7.87 -13.43
C2A NMX C . 15.08 -7.42 -14.40
N3A NMX C . 15.95 -6.41 -14.36
C4A NMX C . 15.96 -5.85 -13.14
C5A NMX C . 15.15 -6.15 -12.07
C6A NMX C . 14.29 -7.25 -12.23
N6A NMX C . 13.45 -7.66 -11.29
N7A NMX C . 15.45 -5.33 -10.96
C8A NMX C . 16.38 -4.54 -11.41
N9A NMX C . 16.77 -4.83 -12.69
C1B NMX C . 17.64 -3.99 -13.47
C2B NMX C . 17.04 -2.59 -13.46
O2B NMX C . 15.99 -2.47 -14.37
C3B NMX C . 18.29 -1.78 -13.84
O3B NMX C . 18.59 -1.98 -15.24
P3B NMX C . 18.99 -0.74 -16.21
O7A NMX C . 17.97 0.33 -16.04
O8A NMX C . 19.31 -1.32 -17.53
O9A NMX C . 20.26 -0.20 -15.63
C4B NMX C . 19.37 -2.48 -13.01
O4B NMX C . 18.84 -3.82 -12.77
C5B NMX C . 19.64 -1.84 -11.68
O5B NMX C . 18.38 -1.32 -11.14
P1A NMX C . 18.18 -1.37 -9.55
O1A NMX C . 18.97 -0.30 -8.92
O2A NMX C . 18.46 -2.76 -9.15
O3A NMX C . 16.62 -1.21 -9.33
P2A NMX C . 15.90 0.23 -9.09
O4A NMX C . 16.08 0.67 -7.71
O5A NMX C . 16.14 1.13 -10.25
O6A NMX C . 14.38 -0.32 -9.31
CBP NMX C . 12.69 -1.97 -9.01
CCP NMX C . 13.82 -1.21 -8.38
CDP NMX C . 11.79 -2.56 -7.87
CEP NMX C . 11.94 -0.99 -9.91
CAP NMX C . 13.30 -3.07 -9.88
OAP NMX C . 13.93 -3.98 -8.98
C9P NMX C . 12.26 -3.78 -10.77
O9P NMX C . 11.95 -3.35 -11.92
N8P NMX C . 11.73 -4.90 -10.27
C7P NMX C . 10.70 -5.67 -10.98
C6P NMX C . 9.29 -5.09 -10.81
C5P NMX C . 8.72 -5.28 -9.42
C5P NMX C . 8.86 -5.09 -9.30
O5P NMX C . 8.81 -6.36 -8.84
O5P NMX C . 8.81 -6.23 -8.82
N4P NMX C . 8.10 -4.22 -8.86
N4P NMX C . 8.20 -4.05 -8.79
C3P NMX C . 7.46 -4.32 -7.54
C3P NMX C . 7.53 -4.10 -7.50
C2P NMX C . 8.24 -3.67 -6.39
C2P NMX C . 8.34 -3.43 -6.40
C1I NMX C . 7.41 -3.58 -5.09
C1I NMX C . 7.49 -3.11 -5.15
N1I NMX C . 6.22 -2.67 -5.22
N1I NMX C . 7.82 -3.98 -3.99
O1I NMX C . 6.52 -1.63 -5.55
O1I NMX C . 9.00 -4.03 -3.71
O2I NMX C . 4.99 -3.10 -4.95
O2I NMX C . 6.93 -4.59 -3.44
#